data_3VK8
#
_entry.id   3VK8
#
_cell.length_a   39.737
_cell.length_b   121.617
_cell.length_c   80.836
_cell.angle_alpha   90.000
_cell.angle_beta   95.540
_cell.angle_gamma   90.000
#
_symmetry.space_group_name_H-M   'P 1 21 1'
#
loop_
_entity.id
_entity.type
_entity.pdbx_description
1 polymer 'Probable formamidopyrimidine-DNA glycosylase'
2 polymer "DNA (5'-D(*GP*TP*AP*GP*AP*CP*CP*TP*GP*GP*AP*CP*G)-3')"
3 polymer "DNA (5'-D(*CP*GP*TP*CP*CP*AP*(CTG)P*GP*TP*CP*TP*AP*C)-3')"
4 non-polymer GLYCEROL
5 water water
#
loop_
_entity_poly.entity_id
_entity_poly.type
_entity_poly.pdbx_seq_one_letter_code
_entity_poly.pdbx_strand_id
1 'polypeptide(L)'
;MPQGPEVALTADILEKYFKGKTLEYIDFISGRYSKSEPEGYDDFIANLPLKVSNVDTKGKFLWFELFDPNDKSNKWYIWN
TFGLTGMWSLFEAKYTRAVLSFDNELMAYFSDMRNFGTFKFSNSEKELKRKLNELGPDFLKNDDIDISKIKKYKQPIVAL
LMDQKKIGSGLGNYLVAEILYRAKIDPHKLGSNLTDQEIENLWYWIKYETKLAYDSNHIGYMVNLENESSKIGRKNYHPN
IHPTEKEFDFLVYRKKKDPNGNKVIADKIIGSGKNKRTTYWAPAIQKLEHHHHHH
;
A,B
2 'polydeoxyribonucleotide' (DG)(DT)(DA)(DG)(DA)(DC)(DC)(DT)(DG)(DG)(DA)(DC)(DG) C,E
3 'polydeoxyribonucleotide' (DC)(DG)(DT)(DC)(DC)(DA)(CTG)(DG)(DT)(DC)(DT)(DA)(DC) D,F
#
# COMPACT_ATOMS: atom_id res chain seq x y z
N PRO A 2 5.16 -16.86 -9.55
CA PRO A 2 5.89 -17.47 -10.67
C PRO A 2 7.38 -17.31 -10.43
N GLN A 3 8.14 -18.26 -10.93
CA GLN A 3 9.58 -18.24 -10.76
C GLN A 3 10.28 -17.68 -12.00
N GLY A 4 11.60 -17.58 -11.93
CA GLY A 4 12.39 -17.02 -13.01
C GLY A 4 11.99 -17.40 -14.43
N PRO A 5 11.84 -18.70 -14.73
CA PRO A 5 11.46 -19.08 -16.09
C PRO A 5 10.11 -18.50 -16.55
N GLU A 6 9.13 -18.47 -15.66
CA GLU A 6 7.81 -17.94 -16.02
C GLU A 6 7.89 -16.42 -16.25
N VAL A 7 8.67 -15.73 -15.42
CA VAL A 7 8.81 -14.29 -15.56
C VAL A 7 9.53 -13.96 -16.87
N ALA A 8 10.54 -14.75 -17.21
CA ALA A 8 11.30 -14.52 -18.44
C ALA A 8 10.42 -14.70 -19.66
N LEU A 9 9.63 -15.76 -19.66
CA LEU A 9 8.74 -16.03 -20.78
C LEU A 9 7.69 -14.92 -20.89
N THR A 10 7.21 -14.43 -19.74
CA THR A 10 6.23 -13.36 -19.74
C THR A 10 6.82 -12.14 -20.39
N ALA A 11 8.07 -11.83 -20.03
CA ALA A 11 8.76 -10.68 -20.61
C ALA A 11 8.90 -10.84 -22.12
N ASP A 12 9.20 -12.05 -22.57
CA ASP A 12 9.33 -12.31 -24.01
C ASP A 12 8.03 -12.02 -24.73
N ILE A 13 6.92 -12.47 -24.15
CA ILE A 13 5.61 -12.24 -24.72
C ILE A 13 5.24 -10.75 -24.69
N LEU A 14 5.60 -10.05 -23.61
CA LEU A 14 5.30 -8.63 -23.51
C LEU A 14 6.09 -7.87 -24.57
N GLU A 15 7.34 -8.27 -24.80
CA GLU A 15 8.14 -7.59 -25.81
C GLU A 15 7.57 -7.86 -27.20
N LYS A 16 7.15 -9.10 -27.45
CA LYS A 16 6.57 -9.43 -28.75
C LYS A 16 5.40 -8.55 -29.11
N TYR A 17 4.55 -8.27 -28.13
CA TYR A 17 3.37 -7.46 -28.38
C TYR A 17 3.46 -5.98 -28.08
N PHE A 18 4.40 -5.57 -27.25
CA PHE A 18 4.46 -4.16 -26.88
C PHE A 18 5.75 -3.39 -27.11
N LYS A 19 6.84 -4.07 -27.44
CA LYS A 19 8.05 -3.30 -27.68
C LYS A 19 7.75 -2.37 -28.86
N GLY A 20 8.24 -1.14 -28.80
CA GLY A 20 8.00 -0.20 -29.87
C GLY A 20 6.62 0.47 -29.80
N LYS A 21 5.72 -0.08 -28.98
CA LYS A 21 4.38 0.50 -28.85
C LYS A 21 4.43 1.66 -27.86
N THR A 22 3.48 2.59 -28.01
CA THR A 22 3.43 3.75 -27.12
C THR A 22 2.40 3.60 -26.02
N LEU A 23 2.85 3.67 -24.78
CA LEU A 23 1.95 3.55 -23.64
C LEU A 23 1.31 4.92 -23.41
N GLU A 24 -0.01 4.97 -23.36
CA GLU A 24 -0.69 6.24 -23.15
C GLU A 24 -1.25 6.42 -21.75
N TYR A 25 -1.68 5.32 -21.14
N TYR A 25 -1.64 5.32 -21.11
CA TYR A 25 -2.24 5.36 -19.79
CA TYR A 25 -2.13 5.40 -19.74
C TYR A 25 -2.04 4.04 -19.05
C TYR A 25 -1.99 4.06 -19.04
N ILE A 26 -1.97 4.11 -17.72
CA ILE A 26 -1.85 2.94 -16.88
C ILE A 26 -2.78 3.20 -15.71
N ASP A 27 -3.73 2.29 -15.50
CA ASP A 27 -4.71 2.44 -14.43
C ASP A 27 -4.74 1.28 -13.45
N PHE A 28 -4.81 1.59 -12.17
CA PHE A 28 -4.91 0.56 -11.15
C PHE A 28 -6.36 0.56 -10.71
N ILE A 29 -7.12 -0.35 -11.29
CA ILE A 29 -8.56 -0.45 -11.04
C ILE A 29 -9.01 -1.17 -9.77
N SER A 30 -8.12 -1.97 -9.18
CA SER A 30 -8.46 -2.65 -7.93
C SER A 30 -7.17 -3.08 -7.25
N GLY A 31 -7.30 -3.70 -6.09
CA GLY A 31 -6.12 -4.13 -5.36
C GLY A 31 -5.45 -3.01 -4.58
N ARG A 32 -4.25 -3.30 -4.10
CA ARG A 32 -3.48 -2.35 -3.28
C ARG A 32 -3.24 -0.98 -3.92
N TYR A 33 -2.97 -0.93 -5.21
CA TYR A 33 -2.69 0.34 -5.83
C TYR A 33 -3.89 1.23 -6.17
N SER A 34 -5.10 0.71 -5.99
CA SER A 34 -6.27 1.53 -6.23
C SER A 34 -6.56 2.18 -4.87
N LYS A 35 -5.97 1.62 -3.82
CA LYS A 35 -6.16 2.14 -2.45
C LYS A 35 -5.06 3.12 -2.09
N SER A 36 -3.88 2.88 -2.62
CA SER A 36 -2.72 3.74 -2.39
C SER A 36 -1.85 3.62 -3.64
N GLU A 37 -1.51 4.75 -4.24
CA GLU A 37 -0.72 4.74 -5.46
C GLU A 37 0.72 4.28 -5.29
N PRO A 38 1.29 3.68 -6.36
CA PRO A 38 2.66 3.18 -6.34
C PRO A 38 3.66 4.32 -6.26
N GLU A 39 4.84 4.00 -5.76
CA GLU A 39 5.94 4.96 -5.64
C GLU A 39 6.25 5.47 -7.05
N GLY A 40 6.38 6.78 -7.21
CA GLY A 40 6.70 7.38 -8.49
C GLY A 40 5.59 7.45 -9.54
N TYR A 41 4.39 7.04 -9.18
CA TYR A 41 3.25 7.03 -10.09
C TYR A 41 2.85 8.39 -10.67
N ASP A 42 2.63 9.37 -9.81
CA ASP A 42 2.22 10.70 -10.28
C ASP A 42 3.22 11.28 -11.27
N ASP A 43 4.50 11.12 -10.95
CA ASP A 43 5.60 11.60 -11.77
C ASP A 43 5.51 10.95 -13.15
N PHE A 44 5.36 9.63 -13.14
CA PHE A 44 5.27 8.85 -14.37
C PHE A 44 4.10 9.22 -15.29
N ILE A 45 2.88 9.26 -14.75
CA ILE A 45 1.72 9.57 -15.56
C ILE A 45 1.83 10.96 -16.18
N ALA A 46 2.56 11.85 -15.50
CA ALA A 46 2.75 13.22 -15.99
C ALA A 46 3.66 13.23 -17.21
N ASN A 47 4.41 12.16 -17.42
CA ASN A 47 5.34 12.07 -18.53
C ASN A 47 4.85 11.23 -19.71
N LEU A 48 3.65 10.64 -19.57
CA LEU A 48 3.10 9.85 -20.66
C LEU A 48 2.55 10.82 -21.72
N PRO A 49 2.45 10.36 -22.98
CA PRO A 49 2.80 9.03 -23.48
C PRO A 49 4.30 8.77 -23.61
N LEU A 50 4.68 7.50 -23.50
CA LEU A 50 6.08 7.10 -23.63
C LEU A 50 6.14 5.83 -24.47
N LYS A 51 7.25 5.65 -25.19
CA LYS A 51 7.43 4.47 -26.02
C LYS A 51 8.22 3.38 -25.28
N VAL A 52 7.79 2.14 -25.41
CA VAL A 52 8.48 1.02 -24.78
C VAL A 52 9.66 0.60 -25.65
N SER A 53 10.86 0.58 -25.06
CA SER A 53 12.05 0.19 -25.80
C SER A 53 12.44 -1.26 -25.47
N ASN A 54 12.11 -1.71 -24.27
CA ASN A 54 12.44 -3.08 -23.85
C ASN A 54 11.59 -3.52 -22.66
N VAL A 55 11.54 -4.84 -22.47
CA VAL A 55 10.88 -5.45 -21.32
C VAL A 55 11.88 -6.52 -20.95
N ASP A 56 12.57 -6.36 -19.82
CA ASP A 56 13.60 -7.30 -19.44
C ASP A 56 13.37 -7.92 -18.07
N THR A 57 14.17 -8.94 -17.74
CA THR A 57 14.05 -9.61 -16.46
C THR A 57 15.38 -10.09 -15.92
N LYS A 58 15.43 -10.24 -14.61
CA LYS A 58 16.59 -10.79 -13.91
C LYS A 58 15.96 -11.56 -12.76
N GLY A 59 16.11 -12.88 -12.77
CA GLY A 59 15.49 -13.66 -11.72
C GLY A 59 13.98 -13.52 -11.82
N LYS A 60 13.32 -13.23 -10.70
CA LYS A 60 11.87 -13.07 -10.69
C LYS A 60 11.46 -11.61 -10.84
N PHE A 61 12.44 -10.75 -11.10
CA PHE A 61 12.19 -9.31 -11.25
C PHE A 61 12.04 -8.93 -12.72
N LEU A 62 11.01 -8.14 -13.03
CA LEU A 62 10.75 -7.69 -14.40
C LEU A 62 10.63 -6.17 -14.47
N TRP A 63 11.01 -5.60 -15.60
CA TRP A 63 10.88 -4.15 -15.75
C TRP A 63 10.70 -3.72 -17.19
N PHE A 64 9.99 -2.61 -17.35
CA PHE A 64 9.76 -2.02 -18.66
C PHE A 64 10.70 -0.82 -18.72
N GLU A 65 11.26 -0.57 -19.89
CA GLU A 65 12.10 0.59 -20.09
C GLU A 65 11.40 1.39 -21.17
N LEU A 66 11.10 2.65 -20.87
CA LEU A 66 10.41 3.51 -21.83
C LEU A 66 11.14 4.83 -22.02
N PHE A 67 10.81 5.55 -23.08
CA PHE A 67 11.44 6.84 -23.37
C PHE A 67 10.55 7.68 -24.28
N ASP A 68 10.84 8.97 -24.38
CA ASP A 68 10.08 9.84 -25.26
C ASP A 68 10.87 9.96 -26.55
N PRO A 69 10.25 9.67 -27.70
CA PRO A 69 10.91 9.74 -29.00
C PRO A 69 11.64 11.06 -29.25
N ASN A 70 11.10 12.16 -28.73
CA ASN A 70 11.70 13.47 -28.93
C ASN A 70 12.69 13.87 -27.86
N ASP A 71 13.06 12.92 -26.99
CA ASP A 71 14.02 13.18 -25.93
C ASP A 71 14.56 11.86 -25.41
N LYS A 72 15.21 11.11 -26.30
CA LYS A 72 15.79 9.81 -26.01
C LYS A 72 16.45 9.73 -24.63
N SER A 73 16.94 10.86 -24.12
CA SER A 73 17.60 10.90 -22.82
C SER A 73 16.65 10.68 -21.65
N ASN A 74 15.41 11.14 -21.79
CA ASN A 74 14.40 10.99 -20.75
C ASN A 74 13.92 9.54 -20.71
N LYS A 75 14.61 8.71 -19.93
CA LYS A 75 14.25 7.30 -19.81
C LYS A 75 13.48 7.00 -18.53
N TRP A 76 12.39 6.25 -18.67
CA TRP A 76 11.57 5.87 -17.53
C TRP A 76 11.50 4.35 -17.38
N TYR A 77 11.30 3.90 -16.14
CA TYR A 77 11.22 2.47 -15.86
C TYR A 77 10.01 2.08 -15.02
N ILE A 78 9.48 0.90 -15.31
CA ILE A 78 8.36 0.34 -14.56
C ILE A 78 8.90 -0.93 -13.92
N TRP A 79 8.98 -0.93 -12.59
CA TRP A 79 9.48 -2.08 -11.83
C TRP A 79 8.31 -2.98 -11.46
N ASN A 80 8.46 -4.28 -11.68
CA ASN A 80 7.35 -5.16 -11.37
C ASN A 80 7.77 -6.51 -10.80
N THR A 81 7.13 -6.91 -9.70
CA THR A 81 7.36 -8.21 -9.08
C THR A 81 6.00 -8.88 -9.11
N PHE A 82 5.98 -10.20 -9.27
CA PHE A 82 4.74 -10.95 -9.36
C PHE A 82 4.16 -11.45 -8.06
N GLY A 83 4.98 -11.63 -7.03
CA GLY A 83 4.46 -12.16 -5.80
C GLY A 83 4.12 -13.62 -6.06
N LEU A 84 3.12 -14.15 -5.36
CA LEU A 84 2.73 -15.55 -5.52
C LEU A 84 1.69 -15.84 -6.60
N THR A 85 0.91 -14.82 -6.97
CA THR A 85 -0.15 -15.04 -7.94
C THR A 85 -0.21 -14.04 -9.10
N GLY A 86 0.82 -13.21 -9.22
CA GLY A 86 0.83 -12.23 -10.29
C GLY A 86 0.98 -12.84 -11.68
N MET A 87 0.29 -12.24 -12.65
CA MET A 87 0.37 -12.70 -14.02
C MET A 87 -0.08 -11.61 -14.98
N TRP A 88 0.47 -11.65 -16.19
CA TRP A 88 0.12 -10.69 -17.23
C TRP A 88 -0.71 -11.42 -18.27
N SER A 89 -1.58 -10.67 -18.96
CA SER A 89 -2.41 -11.26 -20.00
C SER A 89 -2.84 -10.20 -20.97
N LEU A 90 -3.25 -10.64 -22.16
CA LEU A 90 -3.70 -9.75 -23.21
C LEU A 90 -5.19 -9.49 -23.06
N PHE A 91 -5.82 -10.10 -22.07
CA PHE A 91 -7.25 -9.90 -21.83
C PHE A 91 -7.52 -9.59 -20.35
N GLU A 92 -8.56 -8.80 -20.08
CA GLU A 92 -8.90 -8.44 -18.71
C GLU A 92 -9.41 -9.64 -17.91
N ALA A 93 -8.48 -10.40 -17.35
CA ALA A 93 -8.81 -11.59 -16.57
C ALA A 93 -9.36 -11.23 -15.21
N LYS A 94 -9.87 -12.25 -14.53
CA LYS A 94 -10.40 -12.09 -13.18
C LYS A 94 -9.21 -11.64 -12.33
N TYR A 95 -9.46 -10.76 -11.36
CA TYR A 95 -8.39 -10.26 -10.49
C TYR A 95 -7.47 -9.25 -11.18
N THR A 96 -7.94 -8.64 -12.26
CA THR A 96 -7.13 -7.64 -12.95
C THR A 96 -6.95 -6.45 -12.02
N ARG A 97 -5.69 -6.06 -11.81
CA ARG A 97 -5.37 -4.95 -10.94
C ARG A 97 -4.90 -3.74 -11.73
N ALA A 98 -4.08 -3.99 -12.74
CA ALA A 98 -3.54 -2.91 -13.57
C ALA A 98 -3.91 -3.05 -15.04
N VAL A 99 -4.28 -1.94 -15.65
CA VAL A 99 -4.63 -1.90 -17.07
C VAL A 99 -3.72 -0.90 -17.77
N LEU A 100 -2.95 -1.38 -18.74
CA LEU A 100 -2.07 -0.50 -19.50
C LEU A 100 -2.70 -0.29 -20.88
N SER A 101 -2.95 0.97 -21.22
CA SER A 101 -3.56 1.31 -22.50
C SER A 101 -2.52 1.83 -23.48
N PHE A 102 -2.33 1.13 -24.58
CA PHE A 102 -1.37 1.57 -25.59
C PHE A 102 -2.14 2.21 -26.73
N ASP A 103 -1.42 2.82 -27.66
CA ASP A 103 -2.05 3.47 -28.79
C ASP A 103 -2.76 2.44 -29.67
N ASN A 104 -3.87 2.85 -30.27
CA ASN A 104 -4.67 2.00 -31.15
C ASN A 104 -5.51 0.92 -30.46
N GLU A 105 -6.00 1.23 -29.26
CA GLU A 105 -6.85 0.30 -28.50
C GLU A 105 -6.14 -0.98 -28.04
N LEU A 106 -4.81 -1.00 -28.08
CA LEU A 106 -4.04 -2.17 -27.65
C LEU A 106 -3.93 -2.15 -26.12
N MET A 107 -4.23 -3.28 -25.47
CA MET A 107 -4.18 -3.37 -24.00
C MET A 107 -3.34 -4.50 -23.44
N ALA A 108 -2.86 -4.29 -22.21
CA ALA A 108 -2.08 -5.28 -21.49
C ALA A 108 -2.63 -5.22 -20.06
N TYR A 109 -2.79 -6.38 -19.43
CA TYR A 109 -3.34 -6.43 -18.08
C TYR A 109 -2.50 -7.28 -17.14
N PHE A 110 -2.41 -6.81 -15.90
CA PHE A 110 -1.69 -7.52 -14.84
C PHE A 110 -2.76 -7.89 -13.82
N SER A 111 -2.91 -9.18 -13.53
CA SER A 111 -3.90 -9.62 -12.55
C SER A 111 -3.15 -10.25 -11.39
N ASP A 112 -3.75 -10.22 -10.20
CA ASP A 112 -3.06 -10.74 -9.02
C ASP A 112 -4.03 -11.00 -7.88
N MET A 113 -4.47 -12.25 -7.75
CA MET A 113 -5.43 -12.60 -6.70
C MET A 113 -5.06 -12.13 -5.28
N ARG A 114 -3.88 -12.49 -4.80
CA ARG A 114 -3.50 -12.12 -3.44
C ARG A 114 -2.89 -10.73 -3.25
N ASN A 115 -2.66 -10.02 -4.36
CA ASN A 115 -2.10 -8.67 -4.28
C ASN A 115 -0.71 -8.59 -3.66
N PHE A 116 0.14 -9.59 -3.90
CA PHE A 116 1.49 -9.55 -3.34
C PHE A 116 2.46 -8.98 -4.37
N GLY A 117 2.00 -8.84 -5.61
CA GLY A 117 2.84 -8.29 -6.66
C GLY A 117 3.04 -6.82 -6.40
N THR A 118 4.10 -6.24 -6.95
CA THR A 118 4.35 -4.82 -6.73
C THR A 118 4.69 -4.05 -8.00
N PHE A 119 4.49 -2.74 -7.92
CA PHE A 119 4.80 -1.84 -9.02
C PHE A 119 5.52 -0.64 -8.45
N LYS A 120 6.49 -0.14 -9.21
CA LYS A 120 7.24 1.04 -8.82
C LYS A 120 7.63 1.71 -10.13
N PHE A 121 7.62 3.04 -10.15
CA PHE A 121 7.97 3.80 -11.35
C PHE A 121 9.17 4.66 -11.04
N SER A 122 10.16 4.63 -11.91
CA SER A 122 11.38 5.39 -11.67
C SER A 122 11.93 6.03 -12.93
N ASN A 123 12.63 7.14 -12.73
CA ASN A 123 13.23 7.91 -13.80
C ASN A 123 14.75 7.80 -13.62
N SER A 124 15.19 6.85 -12.79
CA SER A 124 16.60 6.68 -12.50
C SER A 124 17.21 5.36 -12.95
N GLU A 125 18.10 5.43 -13.93
CA GLU A 125 18.77 4.24 -14.43
C GLU A 125 19.71 3.73 -13.33
N LYS A 126 20.29 4.65 -12.58
CA LYS A 126 21.20 4.31 -11.51
C LYS A 126 20.51 3.50 -10.41
N GLU A 127 19.28 3.88 -10.08
CA GLU A 127 18.53 3.18 -9.05
C GLU A 127 18.20 1.76 -9.52
N LEU A 128 17.89 1.60 -10.80
CA LEU A 128 17.58 0.29 -11.34
C LEU A 128 18.82 -0.60 -11.27
N LYS A 129 19.96 -0.04 -11.66
CA LYS A 129 21.21 -0.80 -11.64
C LYS A 129 21.51 -1.32 -10.24
N ARG A 130 21.34 -0.47 -9.23
CA ARG A 130 21.60 -0.90 -7.85
C ARG A 130 20.60 -2.00 -7.45
N LYS A 131 19.38 -1.90 -7.95
CA LYS A 131 18.36 -2.91 -7.67
C LYS A 131 18.80 -4.25 -8.27
N LEU A 132 19.24 -4.23 -9.52
CA LEU A 132 19.69 -5.45 -10.20
C LEU A 132 20.89 -6.08 -9.49
N ASN A 133 21.73 -5.24 -8.87
CA ASN A 133 22.91 -5.73 -8.17
C ASN A 133 22.55 -6.39 -6.83
N GLU A 134 21.28 -6.32 -6.45
CA GLU A 134 20.85 -6.96 -5.21
C GLU A 134 20.43 -8.40 -5.51
N LEU A 135 20.43 -8.75 -6.79
CA LEU A 135 20.05 -10.09 -7.23
C LEU A 135 21.26 -10.83 -7.78
N GLY A 136 21.37 -12.11 -7.47
CA GLY A 136 22.46 -12.92 -7.97
C GLY A 136 22.26 -13.17 -9.46
N PRO A 137 23.27 -13.72 -10.16
CA PRO A 137 23.09 -13.97 -11.58
C PRO A 137 21.87 -14.86 -11.87
N ASP A 138 21.17 -14.56 -12.97
CA ASP A 138 19.97 -15.28 -13.39
C ASP A 138 20.28 -16.73 -13.78
N PHE A 139 19.74 -17.67 -13.01
CA PHE A 139 19.98 -19.10 -13.24
C PHE A 139 19.57 -19.61 -14.61
N LEU A 140 18.59 -18.97 -15.23
CA LEU A 140 18.15 -19.38 -16.56
C LEU A 140 18.94 -18.73 -17.68
N LYS A 141 19.15 -17.43 -17.58
CA LYS A 141 19.84 -16.68 -18.61
C LYS A 141 21.38 -16.61 -18.58
N ASN A 142 21.98 -16.95 -17.45
CA ASN A 142 23.43 -16.92 -17.35
C ASN A 142 23.96 -18.34 -17.46
N ASP A 143 24.68 -18.62 -18.54
CA ASP A 143 25.20 -19.96 -18.77
C ASP A 143 26.57 -20.23 -18.16
N ASP A 144 27.14 -19.24 -17.49
CA ASP A 144 28.46 -19.41 -16.88
C ASP A 144 28.55 -18.93 -15.43
N ILE A 145 27.63 -19.41 -14.60
CA ILE A 145 27.61 -19.05 -13.19
C ILE A 145 28.53 -20.00 -12.43
N ASP A 146 29.26 -19.47 -11.47
CA ASP A 146 30.15 -20.31 -10.66
C ASP A 146 29.41 -20.65 -9.38
N ILE A 147 28.82 -21.84 -9.31
CA ILE A 147 28.08 -22.18 -8.10
C ILE A 147 28.96 -22.80 -7.02
N SER A 148 30.28 -22.80 -7.23
CA SER A 148 31.19 -23.36 -6.24
C SER A 148 31.16 -22.49 -4.98
N LYS A 149 30.58 -21.29 -5.12
CA LYS A 149 30.46 -20.37 -4.00
C LYS A 149 29.59 -21.00 -2.91
N ILE A 150 28.82 -22.01 -3.32
CA ILE A 150 27.96 -22.73 -2.39
C ILE A 150 28.76 -23.31 -1.22
N LYS A 151 30.00 -23.70 -1.48
CA LYS A 151 30.84 -24.29 -0.43
C LYS A 151 31.22 -23.37 0.72
N LYS A 152 31.00 -22.07 0.56
CA LYS A 152 31.33 -21.11 1.61
C LYS A 152 30.24 -20.99 2.67
N TYR A 153 29.07 -21.54 2.38
CA TYR A 153 27.94 -21.44 3.30
C TYR A 153 27.56 -22.70 4.07
N LYS A 154 27.51 -22.57 5.40
CA LYS A 154 27.15 -23.69 6.25
C LYS A 154 25.65 -23.61 6.48
N GLN A 155 24.89 -23.74 5.38
CA GLN A 155 23.44 -23.69 5.46
C GLN A 155 22.85 -24.71 4.51
N PRO A 156 21.63 -25.18 4.80
CA PRO A 156 20.98 -26.17 3.92
C PRO A 156 20.99 -25.70 2.48
N ILE A 157 21.33 -26.61 1.57
CA ILE A 157 21.37 -26.30 0.16
C ILE A 157 20.02 -25.76 -0.32
N VAL A 158 18.91 -26.29 0.22
CA VAL A 158 17.61 -25.80 -0.22
C VAL A 158 17.46 -24.30 0.09
N ALA A 159 17.96 -23.87 1.24
CA ALA A 159 17.87 -22.46 1.61
C ALA A 159 18.77 -21.59 0.73
N LEU A 160 19.94 -22.10 0.39
CA LEU A 160 20.88 -21.37 -0.45
C LEU A 160 20.33 -21.14 -1.85
N LEU A 161 19.59 -22.13 -2.35
CA LEU A 161 19.03 -22.03 -3.70
C LEU A 161 17.75 -21.19 -3.75
N MET A 162 17.08 -21.07 -2.61
CA MET A 162 15.86 -20.26 -2.53
C MET A 162 16.22 -18.79 -2.37
N ASP A 163 17.43 -18.54 -1.88
CA ASP A 163 17.93 -17.18 -1.69
C ASP A 163 18.10 -16.59 -3.09
N GLN A 164 17.78 -15.31 -3.26
CA GLN A 164 17.89 -14.70 -4.57
C GLN A 164 19.19 -13.94 -4.82
N LYS A 165 20.09 -13.97 -3.85
CA LYS A 165 21.35 -13.26 -3.98
C LYS A 165 22.63 -14.08 -3.86
N LYS A 166 22.69 -14.93 -2.83
CA LYS A 166 23.88 -15.73 -2.58
C LYS A 166 24.51 -16.49 -3.74
N ILE A 167 23.74 -17.31 -4.43
CA ILE A 167 24.28 -18.08 -5.55
C ILE A 167 23.72 -17.59 -6.89
N GLY A 168 22.40 -17.52 -6.98
CA GLY A 168 21.76 -17.07 -8.20
C GLY A 168 20.33 -16.65 -7.95
N SER A 169 19.67 -16.10 -8.97
CA SER A 169 18.29 -15.66 -8.82
C SER A 169 17.34 -16.41 -9.74
N GLY A 170 16.06 -16.44 -9.36
CA GLY A 170 15.05 -17.08 -10.17
C GLY A 170 14.42 -18.37 -9.68
N LEU A 171 15.06 -19.07 -8.76
CA LEU A 171 14.51 -20.33 -8.27
C LEU A 171 13.54 -20.13 -7.11
N GLY A 172 12.43 -20.86 -7.17
CA GLY A 172 11.41 -20.80 -6.13
C GLY A 172 11.12 -22.17 -5.55
N ASN A 173 10.08 -22.25 -4.73
CA ASN A 173 9.74 -23.49 -4.06
C ASN A 173 9.62 -24.77 -4.89
N TYR A 174 9.01 -24.75 -6.07
CA TYR A 174 8.93 -26.02 -6.79
C TYR A 174 10.18 -26.37 -7.59
N LEU A 175 10.84 -25.37 -8.17
CA LEU A 175 12.05 -25.62 -8.93
C LEU A 175 13.16 -26.21 -8.06
N VAL A 176 13.35 -25.66 -6.86
CA VAL A 176 14.39 -26.17 -5.98
C VAL A 176 14.13 -27.63 -5.61
N ALA A 177 12.88 -27.96 -5.31
CA ALA A 177 12.54 -29.34 -4.96
C ALA A 177 12.84 -30.29 -6.12
N GLU A 178 12.43 -29.89 -7.32
CA GLU A 178 12.65 -30.73 -8.50
C GLU A 178 14.14 -30.89 -8.81
N ILE A 179 14.87 -29.79 -8.72
CA ILE A 179 16.30 -29.78 -8.98
C ILE A 179 17.05 -30.68 -8.01
N LEU A 180 16.74 -30.56 -6.71
CA LEU A 180 17.41 -31.37 -5.72
C LEU A 180 17.09 -32.85 -5.88
N TYR A 181 15.87 -33.16 -6.31
CA TYR A 181 15.49 -34.55 -6.52
C TYR A 181 16.31 -35.12 -7.70
N ARG A 182 16.38 -34.37 -8.80
CA ARG A 182 17.12 -34.80 -9.99
C ARG A 182 18.61 -34.98 -9.67
N ALA A 183 19.15 -34.06 -8.89
CA ALA A 183 20.56 -34.10 -8.52
C ALA A 183 20.80 -35.12 -7.40
N LYS A 184 19.72 -35.67 -6.86
CA LYS A 184 19.81 -36.68 -5.80
C LYS A 184 20.49 -36.14 -4.53
N ILE A 185 20.18 -34.91 -4.18
CA ILE A 185 20.78 -34.30 -2.99
C ILE A 185 19.74 -34.04 -1.90
N ASP A 186 20.04 -34.50 -0.70
CA ASP A 186 19.16 -34.29 0.45
C ASP A 186 19.11 -32.78 0.69
N PRO A 187 17.91 -32.19 0.73
CA PRO A 187 17.76 -30.76 0.94
C PRO A 187 18.42 -30.19 2.20
N HIS A 188 18.61 -31.04 3.20
CA HIS A 188 19.22 -30.61 4.46
C HIS A 188 20.74 -30.44 4.36
N LYS A 189 21.36 -31.10 3.38
CA LYS A 189 22.81 -31.02 3.25
C LYS A 189 23.36 -29.61 3.19
N LEU A 190 24.37 -29.33 4.02
CA LEU A 190 24.97 -28.01 4.06
C LEU A 190 25.80 -27.77 2.81
N GLY A 191 25.73 -26.54 2.28
CA GLY A 191 26.49 -26.22 1.09
C GLY A 191 27.98 -26.45 1.31
N SER A 192 28.43 -26.25 2.53
CA SER A 192 29.83 -26.43 2.87
C SER A 192 30.25 -27.89 2.93
N ASN A 193 29.29 -28.80 2.78
CA ASN A 193 29.60 -30.23 2.81
C ASN A 193 29.45 -30.89 1.44
N LEU A 194 29.04 -30.11 0.44
CA LEU A 194 28.89 -30.66 -0.90
C LEU A 194 30.25 -30.88 -1.55
N THR A 195 30.39 -31.98 -2.28
CA THR A 195 31.64 -32.30 -2.96
C THR A 195 31.66 -31.58 -4.29
N ASP A 196 32.83 -31.53 -4.92
CA ASP A 196 32.95 -30.86 -6.21
C ASP A 196 32.12 -31.59 -7.25
N GLN A 197 31.97 -32.89 -7.07
CA GLN A 197 31.20 -33.71 -8.00
C GLN A 197 29.72 -33.37 -7.86
N GLU A 198 29.26 -33.21 -6.62
CA GLU A 198 27.86 -32.88 -6.37
C GLU A 198 27.55 -31.51 -6.94
N ILE A 199 28.50 -30.59 -6.79
CA ILE A 199 28.34 -29.23 -7.29
C ILE A 199 28.24 -29.23 -8.81
N GLU A 200 29.07 -30.03 -9.47
CA GLU A 200 29.03 -30.12 -10.92
C GLU A 200 27.65 -30.65 -11.31
N ASN A 201 27.19 -31.67 -10.58
CA ASN A 201 25.89 -32.29 -10.83
C ASN A 201 24.75 -31.31 -10.63
N LEU A 202 24.84 -30.56 -9.55
CA LEU A 202 23.81 -29.58 -9.21
C LEU A 202 23.68 -28.56 -10.33
N TRP A 203 24.80 -27.99 -10.75
CA TRP A 203 24.79 -26.99 -11.82
C TRP A 203 24.11 -27.54 -13.06
N TYR A 204 24.41 -28.79 -13.40
CA TYR A 204 23.79 -29.40 -14.56
C TYR A 204 22.26 -29.42 -14.45
N TRP A 205 21.75 -29.86 -13.32
CA TRP A 205 20.30 -29.96 -13.15
C TRP A 205 19.59 -28.62 -13.01
N ILE A 206 20.31 -27.60 -12.54
CA ILE A 206 19.73 -26.27 -12.42
C ILE A 206 19.46 -25.80 -13.85
N LYS A 207 20.44 -25.97 -14.72
CA LYS A 207 20.31 -25.59 -16.11
C LYS A 207 19.21 -26.40 -16.79
N TYR A 208 19.22 -27.70 -16.53
CA TYR A 208 18.23 -28.61 -17.11
C TYR A 208 16.79 -28.23 -16.74
N GLU A 209 16.55 -28.07 -15.44
CA GLU A 209 15.22 -27.73 -14.95
C GLU A 209 14.73 -26.34 -15.31
N THR A 210 15.59 -25.33 -15.22
CA THR A 210 15.16 -23.98 -15.58
C THR A 210 14.84 -23.91 -17.07
N LYS A 211 15.63 -24.59 -17.88
CA LYS A 211 15.39 -24.58 -19.32
C LYS A 211 14.11 -25.34 -19.66
N LEU A 212 13.89 -26.46 -19.01
CA LEU A 212 12.68 -27.24 -19.26
C LEU A 212 11.46 -26.39 -18.88
N ALA A 213 11.51 -25.75 -17.71
CA ALA A 213 10.41 -24.92 -17.24
C ALA A 213 10.16 -23.80 -18.25
N TYR A 214 11.23 -23.16 -18.69
CA TYR A 214 11.11 -22.07 -19.65
C TYR A 214 10.47 -22.55 -20.95
N ASP A 215 10.92 -23.69 -21.48
CA ASP A 215 10.36 -24.21 -22.73
C ASP A 215 8.92 -24.71 -22.67
N SER A 216 8.42 -25.00 -21.47
CA SER A 216 7.06 -25.48 -21.32
C SER A 216 6.00 -24.45 -21.70
N ASN A 217 4.79 -24.93 -22.01
CA ASN A 217 3.69 -24.06 -22.42
C ASN A 217 2.56 -23.94 -21.41
N HIS A 218 2.49 -24.88 -20.48
CA HIS A 218 1.42 -24.85 -19.49
C HIS A 218 1.75 -25.61 -18.22
N ILE A 219 2.74 -25.15 -17.49
CA ILE A 219 3.12 -25.80 -16.24
C ILE A 219 1.99 -25.65 -15.25
N GLY A 220 1.35 -24.47 -15.24
CA GLY A 220 0.25 -24.26 -14.33
C GLY A 220 -0.18 -22.81 -14.07
N TYR A 221 0.70 -22.04 -13.43
CA TYR A 221 0.39 -20.65 -13.08
C TYR A 221 0.68 -19.56 -14.11
N MET A 222 0.30 -19.82 -15.36
CA MET A 222 0.49 -18.84 -16.43
C MET A 222 -0.63 -19.10 -17.42
N VAL A 223 -1.79 -19.47 -16.86
CA VAL A 223 -2.96 -19.80 -17.65
C VAL A 223 -3.46 -18.68 -18.58
N ASN A 224 -3.41 -17.44 -18.12
CA ASN A 224 -3.88 -16.33 -18.94
C ASN A 224 -3.02 -16.07 -20.18
N LEU A 225 -1.92 -16.81 -20.32
CA LEU A 225 -1.03 -16.64 -21.47
C LEU A 225 -0.65 -17.96 -22.15
N GLU A 226 -1.18 -19.07 -21.66
CA GLU A 226 -0.88 -20.38 -22.24
C GLU A 226 -1.23 -20.39 -23.73
N ASN A 227 -2.09 -19.46 -24.12
CA ASN A 227 -2.49 -19.33 -25.52
C ASN A 227 -1.35 -18.68 -26.30
N GLU A 228 -0.73 -17.67 -25.69
CA GLU A 228 0.39 -16.97 -26.32
C GLU A 228 1.68 -17.79 -26.25
N SER A 229 1.83 -18.56 -25.17
CA SER A 229 3.02 -19.40 -24.98
C SER A 229 3.24 -20.36 -26.14
N SER A 230 2.15 -20.82 -26.74
CA SER A 230 2.22 -21.75 -27.86
C SER A 230 2.40 -21.05 -29.21
N LYS A 231 2.31 -19.72 -29.22
CA LYS A 231 2.46 -18.94 -30.44
C LYS A 231 3.78 -18.18 -30.49
N ILE A 232 4.62 -18.34 -29.48
CA ILE A 232 5.91 -17.66 -29.48
C ILE A 232 7.00 -18.69 -29.31
N GLY A 233 8.18 -18.39 -29.84
CA GLY A 233 9.29 -19.32 -29.72
C GLY A 233 9.93 -19.23 -28.34
N ARG A 234 11.13 -19.77 -28.19
CA ARG A 234 11.83 -19.75 -26.92
C ARG A 234 13.30 -19.41 -27.15
N LYS A 235 13.85 -18.48 -26.38
CA LYS A 235 15.25 -18.13 -26.55
C LYS A 235 16.11 -19.33 -26.18
N ASN A 236 17.24 -19.45 -26.85
CA ASN A 236 18.15 -20.57 -26.66
C ASN A 236 19.05 -20.50 -25.43
N TYR A 237 18.45 -20.38 -24.25
CA TYR A 237 19.21 -20.35 -23.00
C TYR A 237 19.80 -21.73 -22.75
N HIS A 238 20.96 -21.79 -22.10
CA HIS A 238 21.63 -23.05 -21.85
C HIS A 238 21.55 -23.89 -23.13
N PRO A 239 22.14 -23.37 -24.22
CA PRO A 239 22.15 -24.03 -25.53
C PRO A 239 22.65 -25.48 -25.60
N ASN A 240 23.54 -25.85 -24.70
CA ASN A 240 24.08 -27.20 -24.70
C ASN A 240 23.28 -28.24 -23.89
N ILE A 241 22.23 -27.79 -23.21
CA ILE A 241 21.40 -28.70 -22.41
C ILE A 241 20.11 -29.01 -23.17
N HIS A 242 19.77 -30.28 -23.27
CA HIS A 242 18.57 -30.69 -24.02
C HIS A 242 17.63 -31.64 -23.28
N PRO A 243 16.67 -31.10 -22.51
CA PRO A 243 15.72 -31.92 -21.79
C PRO A 243 14.96 -32.87 -22.72
N THR A 244 14.71 -34.09 -22.26
CA THR A 244 14.01 -35.08 -23.07
C THR A 244 12.49 -34.93 -23.03
N GLU A 245 11.95 -34.56 -21.88
CA GLU A 245 10.52 -34.39 -21.78
C GLU A 245 10.07 -33.18 -22.58
N LYS A 246 8.82 -33.19 -23.04
CA LYS A 246 8.29 -32.10 -23.85
C LYS A 246 7.40 -31.14 -23.07
N GLU A 247 7.36 -31.32 -21.75
CA GLU A 247 6.55 -30.46 -20.89
C GLU A 247 7.02 -30.70 -19.46
N PHE A 248 7.12 -29.63 -18.68
CA PHE A 248 7.58 -29.74 -17.31
C PHE A 248 6.55 -30.54 -16.51
N ASP A 249 7.04 -31.42 -15.65
CA ASP A 249 6.16 -32.23 -14.83
C ASP A 249 6.73 -32.36 -13.44
N PHE A 250 5.86 -32.43 -12.43
CA PHE A 250 6.33 -32.54 -11.07
C PHE A 250 6.63 -33.98 -10.72
N LEU A 251 7.89 -34.22 -10.34
CA LEU A 251 8.34 -35.55 -9.94
C LEU A 251 8.10 -35.72 -8.44
N VAL A 252 8.27 -34.64 -7.68
CA VAL A 252 8.09 -34.71 -6.23
C VAL A 252 7.25 -33.59 -5.63
N TYR A 253 7.29 -32.41 -6.23
CA TYR A 253 6.54 -31.27 -5.69
C TYR A 253 5.05 -31.54 -5.56
N ARG A 254 4.57 -31.50 -4.32
CA ARG A 254 3.17 -31.77 -3.97
C ARG A 254 2.71 -33.15 -4.42
N LYS A 255 3.61 -34.12 -4.38
CA LYS A 255 3.30 -35.50 -4.74
C LYS A 255 3.45 -36.33 -3.47
N LYS A 256 2.77 -37.47 -3.42
CA LYS A 256 2.86 -38.37 -2.27
C LYS A 256 4.01 -39.33 -2.51
N LYS A 257 4.24 -39.67 -3.77
CA LYS A 257 5.31 -40.60 -4.16
C LYS A 257 6.00 -40.11 -5.42
N ASP A 258 7.28 -40.47 -5.56
CA ASP A 258 8.01 -40.06 -6.74
C ASP A 258 7.58 -40.98 -7.88
N PRO A 259 8.03 -40.71 -9.11
CA PRO A 259 7.64 -41.57 -10.25
C PRO A 259 7.81 -43.07 -10.05
N ASN A 260 8.72 -43.47 -9.16
CA ASN A 260 8.96 -44.88 -8.95
C ASN A 260 8.42 -45.49 -7.66
N GLY A 261 7.44 -44.82 -7.04
CA GLY A 261 6.85 -45.33 -5.82
C GLY A 261 7.45 -44.95 -4.48
N ASN A 262 8.60 -44.29 -4.49
CA ASN A 262 9.24 -43.89 -3.24
C ASN A 262 8.47 -42.77 -2.54
N LYS A 263 8.33 -42.90 -1.22
CA LYS A 263 7.60 -41.90 -0.47
C LYS A 263 8.24 -40.52 -0.52
N VAL A 264 7.38 -39.51 -0.65
CA VAL A 264 7.81 -38.12 -0.70
C VAL A 264 7.41 -37.44 0.62
N ILE A 265 8.38 -36.77 1.25
CA ILE A 265 8.16 -36.08 2.51
C ILE A 265 7.85 -34.60 2.23
N ALA A 266 6.84 -34.07 2.92
CA ALA A 266 6.47 -32.66 2.79
C ALA A 266 7.15 -32.09 4.04
N ASP A 267 8.42 -31.75 3.89
CA ASP A 267 9.25 -31.26 4.98
C ASP A 267 9.25 -29.76 5.19
N LYS A 268 9.28 -29.34 6.45
CA LYS A 268 9.34 -27.92 6.81
C LYS A 268 10.77 -27.64 7.22
N ILE A 269 11.58 -27.19 6.27
CA ILE A 269 12.99 -26.91 6.53
C ILE A 269 13.31 -25.42 6.64
N ILE A 270 12.79 -24.65 5.70
CA ILE A 270 13.08 -23.22 5.65
C ILE A 270 12.01 -22.34 6.30
N GLY A 271 12.45 -21.21 6.85
CA GLY A 271 11.53 -20.26 7.46
C GLY A 271 11.16 -20.53 8.91
N SER A 272 10.39 -19.61 9.45
CA SER A 272 9.90 -19.66 10.83
C SER A 272 8.61 -18.85 10.88
N GLY A 273 7.97 -18.81 12.05
CA GLY A 273 6.74 -18.05 12.20
C GLY A 273 5.68 -18.30 11.15
N LYS A 274 5.37 -17.29 10.36
CA LYS A 274 4.37 -17.40 9.30
C LYS A 274 4.97 -17.41 7.88
N ASN A 275 6.24 -17.75 7.75
CA ASN A 275 6.87 -17.77 6.43
C ASN A 275 7.47 -19.13 6.09
N LYS A 276 7.15 -20.16 6.88
CA LYS A 276 7.64 -21.51 6.63
C LYS A 276 7.14 -22.04 5.29
N ARG A 277 8.04 -22.68 4.54
CA ARG A 277 7.70 -23.23 3.24
C ARG A 277 7.81 -24.75 3.31
N THR A 278 7.12 -25.45 2.43
CA THR A 278 7.16 -26.89 2.40
C THR A 278 8.18 -27.34 1.37
N THR A 279 9.12 -28.19 1.77
CA THR A 279 10.14 -28.72 0.87
C THR A 279 9.84 -30.19 0.62
N TYR A 280 9.44 -30.52 -0.61
CA TYR A 280 9.12 -31.89 -0.97
C TYR A 280 10.36 -32.63 -1.45
N TRP A 281 10.64 -33.79 -0.85
CA TRP A 281 11.79 -34.58 -1.24
C TRP A 281 11.58 -36.07 -0.98
N ALA A 282 12.35 -36.92 -1.65
CA ALA A 282 12.26 -38.37 -1.50
C ALA A 282 13.57 -38.93 -0.94
N PRO A 283 13.59 -39.29 0.35
CA PRO A 283 14.79 -39.84 1.03
C PRO A 283 15.40 -41.10 0.45
N ALA A 284 14.61 -41.92 -0.24
CA ALA A 284 15.15 -43.13 -0.82
C ALA A 284 16.09 -42.77 -1.97
N ILE A 285 15.92 -41.56 -2.48
CA ILE A 285 16.73 -41.07 -3.61
C ILE A 285 17.75 -40.00 -3.26
N GLN A 286 17.32 -38.99 -2.51
CA GLN A 286 18.17 -37.88 -2.14
C GLN A 286 18.94 -38.14 -0.86
N LYS A 287 20.27 -38.17 -0.96
CA LYS A 287 21.13 -38.48 0.16
C LYS A 287 22.07 -37.35 0.58
N LEU A 288 22.60 -37.48 1.79
CA LEU A 288 23.54 -36.52 2.33
C LEU A 288 24.92 -36.94 1.85
N GLU A 289 24.96 -38.12 1.23
CA GLU A 289 26.22 -38.67 0.71
C GLU A 289 26.02 -40.04 0.07
N PRO B 2 -8.04 19.25 15.97
CA PRO B 2 -7.73 19.05 14.55
C PRO B 2 -8.96 18.66 13.76
N GLN B 3 -8.84 18.77 12.44
CA GLN B 3 -9.95 18.47 11.55
C GLN B 3 -9.83 17.09 10.92
N GLY B 4 -10.84 16.70 10.17
CA GLY B 4 -10.87 15.40 9.51
C GLY B 4 -9.59 14.90 8.91
N PRO B 5 -8.94 15.69 8.04
CA PRO B 5 -7.68 15.26 7.41
C PRO B 5 -6.59 14.87 8.40
N GLU B 6 -6.37 15.69 9.42
CA GLU B 6 -5.33 15.39 10.41
C GLU B 6 -5.70 14.17 11.25
N VAL B 7 -6.99 14.05 11.58
CA VAL B 7 -7.44 12.90 12.36
C VAL B 7 -7.29 11.63 11.51
N ALA B 8 -7.58 11.71 10.22
CA ALA B 8 -7.43 10.53 9.35
C ALA B 8 -5.96 10.11 9.27
N LEU B 9 -5.08 11.08 9.05
CA LEU B 9 -3.64 10.79 8.96
C LEU B 9 -3.13 10.22 10.28
N THR B 10 -3.63 10.76 11.39
CA THR B 10 -3.22 10.28 12.70
C THR B 10 -3.58 8.81 12.84
N ALA B 11 -4.78 8.44 12.43
CA ALA B 11 -5.23 7.05 12.50
C ALA B 11 -4.34 6.14 11.65
N ASP B 12 -3.98 6.61 10.46
CA ASP B 12 -3.13 5.82 9.58
C ASP B 12 -1.78 5.55 10.26
N ILE B 13 -1.25 6.56 10.92
CA ILE B 13 0.01 6.43 11.63
C ILE B 13 -0.14 5.50 12.83
N LEU B 14 -1.28 5.58 13.53
CA LEU B 14 -1.51 4.71 14.69
C LEU B 14 -1.66 3.25 14.24
N GLU B 15 -2.31 3.03 13.10
CA GLU B 15 -2.47 1.66 12.63
C GLU B 15 -1.14 1.07 12.23
N LYS B 16 -0.32 1.88 11.55
CA LYS B 16 0.98 1.44 11.13
C LYS B 16 1.81 0.90 12.31
N TYR B 17 1.87 1.65 13.39
CA TYR B 17 2.66 1.25 14.55
C TYR B 17 1.99 0.38 15.61
N PHE B 18 0.67 0.35 15.64
CA PHE B 18 0.00 -0.42 16.68
C PHE B 18 -0.97 -1.53 16.28
N LYS B 19 -1.34 -1.57 15.01
CA LYS B 19 -2.23 -2.63 14.55
C LYS B 19 -1.52 -3.96 14.78
N GLY B 20 -2.20 -4.91 15.39
CA GLY B 20 -1.59 -6.21 15.66
C GLY B 20 -0.83 -6.26 16.96
N LYS B 21 -0.68 -5.13 17.63
CA LYS B 21 0.02 -5.09 18.90
C LYS B 21 -0.96 -5.28 20.05
N THR B 22 -0.45 -5.75 21.18
CA THR B 22 -1.26 -6.00 22.34
C THR B 22 -1.20 -4.84 23.33
N LEU B 23 -2.36 -4.27 23.62
CA LEU B 23 -2.45 -3.16 24.57
C LEU B 23 -2.57 -3.78 25.94
N GLU B 24 -1.62 -3.49 26.82
CA GLU B 24 -1.63 -4.06 28.17
C GLU B 24 -2.23 -3.16 29.24
N TYR B 25 -2.02 -1.85 29.09
N TYR B 25 -2.05 -1.86 29.09
CA TYR B 25 -2.52 -0.88 30.06
CA TYR B 25 -2.64 -0.92 30.03
C TYR B 25 -2.77 0.50 29.42
C TYR B 25 -2.79 0.46 29.43
N ILE B 26 -3.56 1.31 30.11
CA ILE B 26 -3.83 2.66 29.66
C ILE B 26 -3.97 3.49 30.92
N ASP B 27 -3.16 4.55 31.01
CA ASP B 27 -3.13 5.43 32.18
C ASP B 27 -3.39 6.90 31.86
N PHE B 28 -4.32 7.51 32.60
CA PHE B 28 -4.57 8.92 32.40
C PHE B 28 -3.78 9.61 33.51
N ILE B 29 -2.56 10.02 33.18
CA ILE B 29 -1.63 10.66 34.11
C ILE B 29 -1.92 12.11 34.48
N SER B 30 -2.78 12.79 33.74
CA SER B 30 -3.12 14.17 34.04
C SER B 30 -4.37 14.57 33.27
N GLY B 31 -4.80 15.81 33.44
CA GLY B 31 -5.98 16.25 32.72
C GLY B 31 -7.28 15.80 33.34
N ARG B 32 -8.37 15.98 32.61
CA ARG B 32 -9.71 15.62 33.10
C ARG B 32 -9.87 14.19 33.58
N TYR B 33 -9.24 13.25 32.88
CA TYR B 33 -9.40 11.87 33.28
C TYR B 33 -8.50 11.38 34.41
N SER B 34 -7.69 12.27 34.97
CA SER B 34 -6.87 11.89 36.12
C SER B 34 -7.70 12.25 37.36
N LYS B 35 -8.84 12.90 37.14
CA LYS B 35 -9.73 13.31 38.22
C LYS B 35 -11.06 12.56 38.19
N SER B 36 -11.43 12.04 37.04
CA SER B 36 -12.67 11.28 36.91
C SER B 36 -12.50 10.32 35.72
N GLU B 37 -12.89 9.07 35.92
CA GLU B 37 -12.75 8.04 34.90
C GLU B 37 -13.63 8.21 33.67
N PRO B 38 -13.09 7.88 32.50
CA PRO B 38 -13.88 8.00 31.27
C PRO B 38 -15.00 6.96 31.37
N GLU B 39 -16.08 7.14 30.63
CA GLU B 39 -17.18 6.19 30.64
C GLU B 39 -16.68 4.83 30.15
N GLY B 40 -16.98 3.78 30.91
CA GLY B 40 -16.57 2.42 30.54
C GLY B 40 -15.14 2.02 30.85
N TYR B 41 -14.37 2.94 31.42
CA TYR B 41 -12.96 2.68 31.75
C TYR B 41 -12.70 1.48 32.65
N ASP B 42 -13.44 1.39 33.76
CA ASP B 42 -13.26 0.29 34.69
C ASP B 42 -13.46 -1.07 34.03
N ASP B 43 -14.53 -1.21 33.27
CA ASP B 43 -14.82 -2.46 32.59
C ASP B 43 -13.78 -2.78 31.54
N PHE B 44 -13.27 -1.75 30.88
CA PHE B 44 -12.26 -1.94 29.84
C PHE B 44 -10.93 -2.46 30.40
N ILE B 45 -10.41 -1.85 31.46
CA ILE B 45 -9.12 -2.28 32.00
C ILE B 45 -9.22 -3.67 32.64
N ALA B 46 -10.43 -4.07 32.97
CA ALA B 46 -10.65 -5.39 33.56
C ALA B 46 -10.52 -6.43 32.46
N ASN B 47 -10.60 -5.99 31.21
CA ASN B 47 -10.50 -6.92 30.09
C ASN B 47 -9.18 -6.91 29.35
N LEU B 48 -8.27 -6.02 29.73
CA LEU B 48 -6.94 -6.00 29.11
C LEU B 48 -6.17 -7.22 29.61
N PRO B 49 -5.17 -7.68 28.85
CA PRO B 49 -4.67 -7.16 27.57
C PRO B 49 -5.57 -7.52 26.39
N LEU B 50 -5.53 -6.70 25.35
CA LEU B 50 -6.32 -6.90 24.13
C LEU B 50 -5.48 -6.52 22.91
N LYS B 51 -5.69 -7.22 21.80
CA LYS B 51 -4.95 -6.93 20.57
C LYS B 51 -5.68 -5.91 19.71
N VAL B 52 -4.94 -4.93 19.19
CA VAL B 52 -5.53 -3.92 18.33
C VAL B 52 -5.77 -4.47 16.93
N SER B 53 -7.00 -4.44 16.46
CA SER B 53 -7.30 -4.93 15.13
C SER B 53 -7.43 -3.78 14.12
N ASN B 54 -7.82 -2.60 14.57
CA ASN B 54 -8.00 -1.46 13.68
C ASN B 54 -7.98 -0.12 14.42
N VAL B 55 -7.78 0.95 13.65
CA VAL B 55 -7.82 2.31 14.17
C VAL B 55 -8.41 3.03 12.97
N ASP B 56 -9.66 3.45 13.09
CA ASP B 56 -10.35 4.09 11.99
C ASP B 56 -10.94 5.45 12.38
N THR B 57 -11.44 6.18 11.38
CA THR B 57 -12.02 7.50 11.63
C THR B 57 -13.18 7.83 10.70
N LYS B 58 -14.01 8.77 11.16
CA LYS B 58 -15.12 9.28 10.37
C LYS B 58 -15.17 10.75 10.81
N GLY B 59 -14.90 11.66 9.90
CA GLY B 59 -14.90 13.07 10.27
C GLY B 59 -13.78 13.29 11.28
N LYS B 60 -14.07 13.97 12.38
CA LYS B 60 -13.08 14.25 13.41
C LYS B 60 -13.07 13.22 14.53
N PHE B 61 -13.89 12.18 14.38
CA PHE B 61 -14.01 11.11 15.38
C PHE B 61 -13.06 9.96 15.06
N LEU B 62 -12.32 9.49 16.06
CA LEU B 62 -11.38 8.38 15.88
C LEU B 62 -11.71 7.27 16.87
N TRP B 63 -11.44 6.02 16.49
CA TRP B 63 -11.68 4.91 17.40
C TRP B 63 -10.75 3.73 17.15
N PHE B 64 -10.44 3.00 18.23
CA PHE B 64 -9.61 1.81 18.14
C PHE B 64 -10.58 0.65 18.29
N GLU B 65 -10.29 -0.46 17.62
CA GLU B 65 -11.10 -1.66 17.74
C GLU B 65 -10.15 -2.74 18.24
N LEU B 66 -10.48 -3.34 19.39
CA LEU B 66 -9.64 -4.37 19.98
C LEU B 66 -10.42 -5.65 20.27
N PHE B 67 -9.69 -6.76 20.42
CA PHE B 67 -10.31 -8.04 20.71
C PHE B 67 -9.31 -8.96 21.38
N ASP B 68 -9.81 -10.05 21.93
CA ASP B 68 -8.98 -11.03 22.59
C ASP B 68 -8.90 -12.24 21.65
N PRO B 69 -7.68 -12.67 21.30
CA PRO B 69 -7.47 -13.80 20.39
C PRO B 69 -8.18 -15.09 20.81
N ASN B 70 -8.56 -15.18 22.09
CA ASN B 70 -9.24 -16.39 22.58
C ASN B 70 -10.76 -16.25 22.58
N ASP B 71 -11.24 -15.12 22.09
CA ASP B 71 -12.68 -14.83 22.01
C ASP B 71 -12.85 -13.67 21.02
N LYS B 72 -12.31 -13.89 19.82
CA LYS B 72 -12.29 -12.92 18.74
C LYS B 72 -13.55 -12.11 18.48
N SER B 73 -14.72 -12.64 18.81
CA SER B 73 -15.97 -11.91 18.57
C SER B 73 -16.30 -10.86 19.61
N ASN B 74 -15.80 -11.03 20.83
CA ASN B 74 -16.05 -10.03 21.87
C ASN B 74 -15.10 -8.86 21.59
N LYS B 75 -15.61 -7.84 20.91
CA LYS B 75 -14.82 -6.69 20.55
C LYS B 75 -14.96 -5.53 21.52
N TRP B 76 -13.88 -4.76 21.66
CA TRP B 76 -13.87 -3.58 22.51
C TRP B 76 -13.43 -2.38 21.69
N TYR B 77 -13.95 -1.21 22.04
CA TYR B 77 -13.64 0.00 21.30
C TYR B 77 -13.20 1.16 22.22
N ILE B 78 -12.30 1.98 21.70
CA ILE B 78 -11.83 3.16 22.40
C ILE B 78 -12.28 4.30 21.50
N TRP B 79 -13.20 5.13 22.00
CA TRP B 79 -13.72 6.27 21.25
C TRP B 79 -12.85 7.47 21.62
N ASN B 80 -12.42 8.24 20.63
CA ASN B 80 -11.58 9.40 20.93
C ASN B 80 -11.89 10.62 20.06
N THR B 81 -12.01 11.78 20.71
CA THR B 81 -12.23 13.05 20.01
C THR B 81 -11.05 13.92 20.46
N PHE B 82 -10.58 14.78 19.56
CA PHE B 82 -9.42 15.62 19.84
C PHE B 82 -9.70 16.99 20.45
N GLY B 83 -10.89 17.51 20.21
CA GLY B 83 -11.18 18.85 20.72
C GLY B 83 -10.34 19.83 19.92
N LEU B 84 -9.88 20.89 20.58
CA LEU B 84 -9.08 21.90 19.91
C LEU B 84 -7.57 21.67 19.93
N THR B 85 -7.08 20.92 20.91
CA THR B 85 -5.63 20.71 21.02
C THR B 85 -5.18 19.26 21.19
N GLY B 86 -6.09 18.32 20.98
CA GLY B 86 -5.76 16.91 21.11
C GLY B 86 -4.69 16.50 20.12
N MET B 87 -3.83 15.56 20.52
CA MET B 87 -2.74 15.14 19.64
C MET B 87 -2.12 13.80 20.07
N TRP B 88 -1.82 12.94 19.11
CA TRP B 88 -1.20 11.65 19.41
C TRP B 88 0.27 11.66 18.99
N SER B 89 1.12 10.98 19.74
CA SER B 89 2.54 10.93 19.39
C SER B 89 3.20 9.68 19.96
N LEU B 90 4.39 9.38 19.46
CA LEU B 90 5.13 8.21 19.91
C LEU B 90 6.05 8.54 21.08
N PHE B 91 6.03 9.79 21.52
CA PHE B 91 6.84 10.18 22.67
C PHE B 91 5.99 10.95 23.67
N GLU B 92 6.35 10.90 24.94
CA GLU B 92 5.61 11.60 25.98
C GLU B 92 5.89 13.09 25.87
N ALA B 93 5.08 13.79 25.07
CA ALA B 93 5.26 15.22 24.87
C ALA B 93 4.64 16.03 26.00
N LYS B 94 4.81 17.34 25.93
CA LYS B 94 4.25 18.22 26.94
C LYS B 94 2.73 18.04 26.85
N TYR B 95 2.05 18.10 27.99
CA TYR B 95 0.61 17.97 28.04
C TYR B 95 0.10 16.55 27.83
N THR B 96 0.97 15.55 27.93
CA THR B 96 0.52 14.17 27.76
C THR B 96 -0.54 13.88 28.82
N ARG B 97 -1.71 13.44 28.38
CA ARG B 97 -2.81 13.13 29.27
C ARG B 97 -2.99 11.63 29.44
N ALA B 98 -2.81 10.90 28.33
CA ALA B 98 -2.98 9.46 28.38
C ALA B 98 -1.77 8.72 27.83
N VAL B 99 -1.41 7.63 28.51
CA VAL B 99 -0.30 6.80 28.10
C VAL B 99 -0.81 5.39 27.88
N LEU B 100 -0.66 4.88 26.67
CA LEU B 100 -1.09 3.52 26.37
C LEU B 100 0.17 2.67 26.34
N SER B 101 0.17 1.59 27.11
CA SER B 101 1.33 0.69 27.18
C SER B 101 1.06 -0.62 26.48
N PHE B 102 1.86 -0.89 25.45
CA PHE B 102 1.72 -2.13 24.70
C PHE B 102 2.84 -3.09 25.09
N ASP B 103 2.78 -4.31 24.61
CA ASP B 103 3.82 -5.28 24.94
C ASP B 103 5.17 -4.82 24.41
N ASN B 104 6.24 -5.26 25.06
CA ASN B 104 7.60 -4.93 24.68
C ASN B 104 7.94 -3.45 24.79
N GLU B 105 7.50 -2.83 25.89
CA GLU B 105 7.76 -1.42 26.15
C GLU B 105 7.33 -0.42 25.08
N LEU B 106 6.49 -0.84 24.14
CA LEU B 106 6.03 0.08 23.09
C LEU B 106 4.98 1.03 23.71
N MET B 107 5.02 2.31 23.34
CA MET B 107 4.09 3.28 23.92
C MET B 107 3.43 4.24 22.92
N ALA B 108 2.24 4.70 23.28
CA ALA B 108 1.47 5.65 22.48
C ALA B 108 1.04 6.71 23.48
N TYR B 109 1.11 7.98 23.09
CA TYR B 109 0.75 9.06 23.99
C TYR B 109 -0.25 10.02 23.36
N PHE B 110 -1.20 10.48 24.17
CA PHE B 110 -2.19 11.43 23.72
C PHE B 110 -1.97 12.66 24.57
N SER B 111 -1.74 13.81 23.94
CA SER B 111 -1.53 15.05 24.67
C SER B 111 -2.65 15.99 24.33
N ASP B 112 -3.01 16.85 25.27
CA ASP B 112 -4.12 17.76 25.05
C ASP B 112 -4.04 18.96 25.98
N MET B 113 -3.41 20.04 25.53
CA MET B 113 -3.26 21.22 26.36
C MET B 113 -4.53 21.70 27.06
N ARG B 114 -5.60 21.96 26.30
CA ARG B 114 -6.83 22.47 26.87
C ARG B 114 -7.79 21.44 27.47
N ASN B 115 -7.49 20.17 27.27
CA ASN B 115 -8.31 19.08 27.80
C ASN B 115 -9.72 19.01 27.22
N PHE B 116 -9.90 19.43 25.97
CA PHE B 116 -11.23 19.38 25.37
C PHE B 116 -11.49 18.03 24.70
N GLY B 117 -10.42 17.25 24.51
CA GLY B 117 -10.55 15.94 23.91
C GLY B 117 -11.27 14.98 24.85
N THR B 118 -11.81 13.89 24.32
CA THR B 118 -12.53 12.93 25.16
C THR B 118 -12.21 11.47 24.86
N PHE B 119 -12.42 10.63 25.87
CA PHE B 119 -12.22 9.18 25.73
C PHE B 119 -13.45 8.46 26.25
N LYS B 120 -13.76 7.32 25.64
CA LYS B 120 -14.89 6.48 26.05
C LYS B 120 -14.55 5.06 25.63
N PHE B 121 -14.90 4.09 26.46
CA PHE B 121 -14.62 2.69 26.19
C PHE B 121 -15.95 1.94 26.12
N SER B 122 -16.09 1.12 25.08
CA SER B 122 -17.35 0.41 24.90
C SER B 122 -17.14 -1.01 24.39
N ASN B 123 -18.08 -1.87 24.74
CA ASN B 123 -18.07 -3.26 24.36
C ASN B 123 -19.25 -3.47 23.40
N SER B 124 -19.82 -2.38 22.91
CA SER B 124 -20.97 -2.44 22.03
C SER B 124 -20.76 -1.94 20.60
N GLU B 125 -20.81 -2.86 19.64
CA GLU B 125 -20.65 -2.51 18.24
C GLU B 125 -21.87 -1.68 17.82
N LYS B 126 -23.03 -2.02 18.37
CA LYS B 126 -24.27 -1.33 18.07
C LYS B 126 -24.22 0.13 18.49
N GLU B 127 -23.65 0.40 19.65
CA GLU B 127 -23.54 1.76 20.14
C GLU B 127 -22.60 2.57 19.24
N LEU B 128 -21.54 1.95 18.77
CA LEU B 128 -20.61 2.64 17.90
C LEU B 128 -21.30 2.99 16.57
N LYS B 129 -22.02 2.03 16.02
CA LYS B 129 -22.74 2.25 14.76
C LYS B 129 -23.69 3.45 14.88
N ARG B 130 -24.45 3.52 15.97
CA ARG B 130 -25.36 4.64 16.15
C ARG B 130 -24.57 5.96 16.25
N LYS B 131 -23.40 5.90 16.88
CA LYS B 131 -22.55 7.08 17.01
C LYS B 131 -22.10 7.54 15.63
N LEU B 132 -21.66 6.60 14.80
CA LEU B 132 -21.21 6.94 13.45
C LEU B 132 -22.35 7.52 12.61
N ASN B 133 -23.58 7.09 12.88
CA ASN B 133 -24.74 7.59 12.14
C ASN B 133 -25.13 9.01 12.53
N GLU B 134 -24.47 9.54 13.56
CA GLU B 134 -24.74 10.92 14.00
C GLU B 134 -23.83 11.88 13.22
N LEU B 135 -22.94 11.31 12.42
CA LEU B 135 -22.01 12.10 11.62
C LEU B 135 -22.33 11.95 10.13
N GLY B 136 -22.21 13.05 9.40
CA GLY B 136 -22.48 13.02 7.97
C GLY B 136 -21.34 12.31 7.27
N PRO B 137 -21.48 11.98 5.98
CA PRO B 137 -20.39 11.28 5.29
C PRO B 137 -19.08 12.07 5.38
N ASP B 138 -17.98 11.35 5.51
CA ASP B 138 -16.62 11.91 5.62
C ASP B 138 -16.19 12.64 4.35
N PHE B 139 -16.02 13.96 4.43
CA PHE B 139 -15.64 14.77 3.28
C PHE B 139 -14.33 14.36 2.61
N LEU B 140 -13.42 13.76 3.36
CA LEU B 140 -12.15 13.33 2.78
C LEU B 140 -12.22 11.93 2.19
N LYS B 141 -12.83 11.00 2.91
CA LYS B 141 -12.87 9.61 2.49
C LYS B 141 -14.02 9.18 1.58
N ASN B 142 -15.08 9.98 1.49
CA ASN B 142 -16.21 9.62 0.64
C ASN B 142 -16.12 10.44 -0.65
N ASP B 143 -15.89 9.76 -1.77
CA ASP B 143 -15.73 10.45 -3.04
C ASP B 143 -17.03 10.66 -3.81
N ASP B 144 -18.15 10.23 -3.24
CA ASP B 144 -19.44 10.39 -3.92
C ASP B 144 -20.54 10.94 -3.01
N ILE B 145 -20.26 12.07 -2.37
CA ILE B 145 -21.23 12.72 -1.49
C ILE B 145 -22.10 13.65 -2.32
N ASP B 146 -23.39 13.68 -2.03
CA ASP B 146 -24.29 14.57 -2.76
C ASP B 146 -24.47 15.83 -1.94
N ILE B 147 -23.74 16.89 -2.28
CA ILE B 147 -23.86 18.11 -1.50
C ILE B 147 -25.00 19.01 -1.97
N SER B 148 -25.83 18.52 -2.89
CA SER B 148 -26.95 19.32 -3.38
C SER B 148 -27.95 19.50 -2.24
N LYS B 149 -27.78 18.71 -1.18
CA LYS B 149 -28.66 18.79 -0.02
C LYS B 149 -28.53 20.17 0.62
N ILE B 150 -27.43 20.85 0.29
CA ILE B 150 -27.16 22.19 0.79
C ILE B 150 -28.32 23.13 0.45
N LYS B 151 -28.95 22.92 -0.70
CA LYS B 151 -30.04 23.78 -1.15
C LYS B 151 -31.30 23.76 -0.28
N LYS B 152 -31.42 22.78 0.60
CA LYS B 152 -32.59 22.67 1.47
C LYS B 152 -32.48 23.55 2.71
N TYR B 153 -31.30 24.09 2.97
CA TYR B 153 -31.07 24.91 4.16
C TYR B 153 -30.94 26.41 3.95
N LYS B 154 -31.77 27.18 4.65
CA LYS B 154 -31.71 28.62 4.57
C LYS B 154 -30.78 29.12 5.66
N GLN B 155 -29.52 28.71 5.58
CA GLN B 155 -28.52 29.12 6.57
C GLN B 155 -27.21 29.39 5.86
N PRO B 156 -26.36 30.25 6.47
CA PRO B 156 -25.07 30.57 5.87
C PRO B 156 -24.29 29.32 5.52
N ILE B 157 -23.72 29.30 4.32
CA ILE B 157 -22.96 28.15 3.85
C ILE B 157 -21.83 27.82 4.83
N VAL B 158 -21.20 28.83 5.44
CA VAL B 158 -20.13 28.54 6.38
C VAL B 158 -20.63 27.71 7.55
N ALA B 159 -21.84 28.00 8.02
CA ALA B 159 -22.41 27.25 9.15
C ALA B 159 -22.76 25.82 8.72
N LEU B 160 -23.26 25.67 7.49
CA LEU B 160 -23.63 24.35 7.00
C LEU B 160 -22.42 23.44 6.86
N LEU B 161 -21.28 24.01 6.49
CA LEU B 161 -20.06 23.24 6.31
C LEU B 161 -19.35 22.93 7.62
N MET B 162 -19.59 23.75 8.64
CA MET B 162 -18.99 23.56 9.95
C MET B 162 -19.78 22.51 10.74
N ASP B 163 -21.03 22.30 10.35
CA ASP B 163 -21.91 21.32 10.97
C ASP B 163 -21.33 19.95 10.60
N GLN B 164 -21.35 19.00 11.53
CA GLN B 164 -20.79 17.69 11.25
C GLN B 164 -21.78 16.64 10.79
N LYS B 165 -23.05 17.05 10.64
CA LYS B 165 -24.08 16.11 10.25
C LYS B 165 -24.84 16.44 8.98
N LYS B 166 -25.30 17.69 8.86
CA LYS B 166 -26.09 18.11 7.71
C LYS B 166 -25.61 17.74 6.32
N ILE B 167 -24.37 18.09 5.98
CA ILE B 167 -23.85 17.78 4.66
C ILE B 167 -22.75 16.75 4.72
N GLY B 168 -21.74 17.00 5.55
CA GLY B 168 -20.65 16.05 5.68
C GLY B 168 -19.89 16.29 6.98
N SER B 169 -18.93 15.42 7.28
CA SER B 169 -18.15 15.57 8.50
C SER B 169 -16.66 15.76 8.22
N GLY B 170 -15.98 16.37 9.17
CA GLY B 170 -14.55 16.59 9.04
C GLY B 170 -14.02 18.00 8.85
N LEU B 171 -14.86 18.93 8.41
CA LEU B 171 -14.41 20.29 8.19
C LEU B 171 -14.49 21.15 9.45
N GLY B 172 -13.44 21.94 9.66
CA GLY B 172 -13.38 22.82 10.81
C GLY B 172 -13.13 24.26 10.38
N ASN B 173 -12.85 25.12 11.36
CA ASN B 173 -12.67 26.54 11.09
C ASN B 173 -11.70 26.96 9.98
N TYR B 174 -10.54 26.35 9.85
CA TYR B 174 -9.66 26.82 8.79
C TYR B 174 -9.95 26.22 7.42
N LEU B 175 -10.37 24.96 7.38
CA LEU B 175 -10.69 24.33 6.11
C LEU B 175 -11.88 25.01 5.42
N VAL B 176 -12.92 25.33 6.19
CA VAL B 176 -14.09 25.98 5.60
C VAL B 176 -13.72 27.34 5.01
N ALA B 177 -12.89 28.11 5.71
CA ALA B 177 -12.48 29.42 5.22
C ALA B 177 -11.68 29.28 3.93
N GLU B 178 -10.74 28.34 3.88
CA GLU B 178 -9.93 28.14 2.68
C GLU B 178 -10.79 27.64 1.51
N ILE B 179 -11.70 26.72 1.79
CA ILE B 179 -12.58 26.15 0.77
C ILE B 179 -13.47 27.23 0.16
N LEU B 180 -14.09 28.05 1.00
CA LEU B 180 -14.97 29.09 0.51
C LEU B 180 -14.21 30.14 -0.30
N TYR B 181 -12.96 30.40 0.09
CA TYR B 181 -12.15 31.37 -0.63
C TYR B 181 -11.84 30.83 -2.05
N ARG B 182 -11.42 29.57 -2.11
CA ARG B 182 -11.09 28.92 -3.37
C ARG B 182 -12.31 28.85 -4.30
N ALA B 183 -13.47 28.52 -3.72
CA ALA B 183 -14.71 28.43 -4.47
C ALA B 183 -15.30 29.81 -4.76
N LYS B 184 -14.69 30.84 -4.20
CA LYS B 184 -15.14 32.23 -4.39
C LYS B 184 -16.57 32.47 -3.92
N ILE B 185 -16.93 31.89 -2.78
CA ILE B 185 -18.26 32.05 -2.24
C ILE B 185 -18.27 32.84 -0.93
N ASP B 186 -19.12 33.86 -0.87
CA ASP B 186 -19.26 34.69 0.32
C ASP B 186 -19.80 33.76 1.42
N PRO B 187 -19.10 33.67 2.56
CA PRO B 187 -19.54 32.80 3.66
C PRO B 187 -20.96 33.04 4.18
N HIS B 188 -21.49 34.25 3.95
CA HIS B 188 -22.84 34.57 4.41
C HIS B 188 -23.94 33.99 3.51
N LYS B 189 -23.60 33.67 2.26
CA LYS B 189 -24.60 33.15 1.34
C LYS B 189 -25.36 31.94 1.85
N LEU B 190 -26.68 32.00 1.76
CA LEU B 190 -27.53 30.92 2.24
C LEU B 190 -27.41 29.72 1.31
N GLY B 191 -27.39 28.52 1.88
CA GLY B 191 -27.29 27.32 1.07
C GLY B 191 -28.43 27.23 0.07
N SER B 192 -29.59 27.75 0.47
CA SER B 192 -30.77 27.72 -0.37
C SER B 192 -30.70 28.71 -1.53
N ASN B 193 -29.65 29.52 -1.57
CA ASN B 193 -29.48 30.49 -2.65
C ASN B 193 -28.33 30.12 -3.59
N LEU B 194 -27.62 29.03 -3.29
CA LEU B 194 -26.52 28.61 -4.14
C LEU B 194 -27.04 28.00 -5.43
N THR B 195 -26.37 28.29 -6.54
CA THR B 195 -26.76 27.75 -7.84
C THR B 195 -26.15 26.37 -7.99
N ASP B 196 -26.62 25.61 -8.98
CA ASP B 196 -26.09 24.28 -9.21
C ASP B 196 -24.63 24.36 -9.60
N GLN B 197 -24.26 25.46 -10.26
CA GLN B 197 -22.89 25.66 -10.69
C GLN B 197 -21.98 25.91 -9.48
N GLU B 198 -22.48 26.70 -8.53
CA GLU B 198 -21.71 27.00 -7.32
C GLU B 198 -21.53 25.71 -6.51
N ILE B 199 -22.57 24.90 -6.47
CA ILE B 199 -22.54 23.63 -5.74
C ILE B 199 -21.51 22.70 -6.36
N GLU B 200 -21.47 22.64 -7.69
CA GLU B 200 -20.51 21.79 -8.38
C GLU B 200 -19.11 22.29 -8.01
N ASN B 201 -18.94 23.60 -8.03
CA ASN B 201 -17.66 24.24 -7.70
C ASN B 201 -17.22 23.96 -6.27
N LEU B 202 -18.19 24.08 -5.37
CA LEU B 202 -17.95 23.86 -3.95
C LEU B 202 -17.44 22.44 -3.72
N TRP B 203 -18.17 21.47 -4.26
CA TRP B 203 -17.78 20.07 -4.10
C TRP B 203 -16.34 19.85 -4.58
N TYR B 204 -15.99 20.45 -5.70
CA TYR B 204 -14.63 20.32 -6.22
C TYR B 204 -13.59 20.82 -5.23
N TRP B 205 -13.80 22.01 -4.67
CA TRP B 205 -12.82 22.56 -3.73
C TRP B 205 -12.78 21.86 -2.38
N ILE B 206 -13.90 21.25 -1.97
CA ILE B 206 -13.93 20.52 -0.72
C ILE B 206 -12.97 19.33 -0.89
N LYS B 207 -13.10 18.64 -2.02
CA LYS B 207 -12.22 17.50 -2.31
C LYS B 207 -10.78 17.94 -2.44
N TYR B 208 -10.57 19.06 -3.13
CA TYR B 208 -9.22 19.59 -3.34
C TYR B 208 -8.52 19.93 -2.03
N GLU B 209 -9.20 20.71 -1.19
CA GLU B 209 -8.64 21.14 0.09
C GLU B 209 -8.46 20.04 1.11
N THR B 210 -9.44 19.15 1.25
CA THR B 210 -9.30 18.05 2.20
C THR B 210 -8.14 17.13 1.79
N LYS B 211 -8.01 16.89 0.48
CA LYS B 211 -6.93 16.03 0.00
C LYS B 211 -5.57 16.71 0.17
N LEU B 212 -5.50 18.00 -0.11
CA LEU B 212 -4.25 18.72 0.06
C LEU B 212 -3.84 18.68 1.53
N ALA B 213 -4.80 18.94 2.43
CA ALA B 213 -4.51 18.93 3.86
C ALA B 213 -4.02 17.56 4.28
N TYR B 214 -4.70 16.53 3.81
CA TYR B 214 -4.34 15.16 4.14
C TYR B 214 -2.92 14.83 3.67
N ASP B 215 -2.59 15.20 2.43
CA ASP B 215 -1.26 14.91 1.88
C ASP B 215 -0.11 15.70 2.50
N SER B 216 -0.40 16.80 3.18
CA SER B 216 0.63 17.63 3.80
C SER B 216 1.34 16.92 4.95
N ASN B 217 2.54 17.40 5.28
CA ASN B 217 3.36 16.81 6.34
C ASN B 217 3.52 17.67 7.59
N HIS B 218 3.29 18.97 7.47
CA HIS B 218 3.44 19.85 8.63
C HIS B 218 2.58 21.11 8.52
N ILE B 219 1.26 20.95 8.44
CA ILE B 219 0.38 22.11 8.34
C ILE B 219 0.53 22.96 9.59
N GLY B 220 0.87 22.29 10.71
CA GLY B 220 1.03 23.00 11.97
C GLY B 220 0.75 22.15 13.20
N TYR B 221 -0.47 21.65 13.32
CA TYR B 221 -0.87 20.84 14.47
C TYR B 221 0.00 19.63 14.78
N MET B 222 -0.02 18.63 13.88
CA MET B 222 0.72 17.38 14.06
C MET B 222 2.24 17.50 14.11
N VAL B 223 2.75 18.59 14.67
CA VAL B 223 4.19 18.77 14.76
C VAL B 223 4.79 17.58 15.51
N ASN B 224 4.00 17.00 16.41
CA ASN B 224 4.44 15.86 17.20
C ASN B 224 4.55 14.57 16.39
N LEU B 225 4.11 14.60 15.14
CA LEU B 225 4.17 13.44 14.27
C LEU B 225 4.84 13.77 12.93
N GLU B 226 5.54 14.90 12.88
CA GLU B 226 6.22 15.34 11.67
C GLU B 226 7.11 14.26 11.08
N ASN B 227 7.82 13.53 11.93
CA ASN B 227 8.71 12.47 11.45
C ASN B 227 7.89 11.31 10.90
N GLU B 228 6.81 10.96 11.61
CA GLU B 228 5.94 9.87 11.18
C GLU B 228 5.25 10.20 9.87
N SER B 229 4.83 11.45 9.73
CA SER B 229 4.13 11.90 8.52
C SER B 229 4.90 11.68 7.23
N SER B 230 6.18 12.05 7.23
CA SER B 230 7.01 11.90 6.04
C SER B 230 7.46 10.46 5.79
N LYS B 231 7.36 9.61 6.82
CA LYS B 231 7.78 8.23 6.69
C LYS B 231 6.67 7.26 6.32
N ILE B 232 5.45 7.78 6.13
CA ILE B 232 4.32 6.93 5.78
C ILE B 232 3.68 7.45 4.50
N GLY B 233 2.97 6.57 3.80
CA GLY B 233 2.32 6.97 2.57
C GLY B 233 0.95 7.59 2.82
N ARG B 234 0.19 7.79 1.75
CA ARG B 234 -1.14 8.38 1.86
C ARG B 234 -2.16 7.54 1.10
N LYS B 235 -3.36 7.41 1.66
CA LYS B 235 -4.41 6.67 0.98
C LYS B 235 -4.75 7.53 -0.22
N ASN B 236 -5.35 6.91 -1.23
CA ASN B 236 -5.70 7.60 -2.45
C ASN B 236 -7.13 8.14 -2.42
N TYR B 237 -7.40 9.05 -1.49
CA TYR B 237 -8.74 9.65 -1.38
C TYR B 237 -8.95 10.64 -2.52
N HIS B 238 -10.20 10.81 -2.95
CA HIS B 238 -10.52 11.69 -4.07
C HIS B 238 -9.44 11.46 -5.13
N PRO B 239 -9.39 10.24 -5.69
CA PRO B 239 -8.41 9.84 -6.71
C PRO B 239 -8.31 10.72 -7.96
N ASN B 240 -9.43 11.26 -8.40
CA ASN B 240 -9.46 12.11 -9.58
C ASN B 240 -9.06 13.56 -9.38
N ILE B 241 -8.78 13.96 -8.14
CA ILE B 241 -8.39 15.34 -7.84
C ILE B 241 -6.90 15.37 -7.54
N HIS B 242 -6.18 16.32 -8.13
CA HIS B 242 -4.74 16.40 -7.91
C HIS B 242 -4.24 17.80 -7.58
N PRO B 243 -4.15 18.13 -6.29
CA PRO B 243 -3.68 19.46 -5.88
C PRO B 243 -2.32 19.79 -6.50
N THR B 244 -2.14 21.06 -6.86
CA THR B 244 -0.91 21.54 -7.49
C THR B 244 0.22 21.78 -6.50
N GLU B 245 -0.11 22.34 -5.34
CA GLU B 245 0.90 22.61 -4.34
C GLU B 245 1.32 21.35 -3.59
N LYS B 246 2.51 21.40 -2.98
CA LYS B 246 3.03 20.26 -2.24
C LYS B 246 2.80 20.36 -0.73
N GLU B 247 2.38 21.54 -0.28
CA GLU B 247 2.12 21.76 1.13
C GLU B 247 0.91 22.66 1.31
N PHE B 248 0.01 22.28 2.23
CA PHE B 248 -1.18 23.06 2.49
C PHE B 248 -0.79 24.40 3.10
N ASP B 249 -1.09 25.50 2.42
CA ASP B 249 -0.77 26.81 2.94
C ASP B 249 -2.02 27.67 3.10
N PHE B 250 -2.07 28.46 4.18
CA PHE B 250 -3.23 29.32 4.42
C PHE B 250 -3.29 30.51 3.47
N LEU B 251 -4.39 30.60 2.72
CA LEU B 251 -4.59 31.71 1.80
C LEU B 251 -5.30 32.89 2.45
N VAL B 252 -6.20 32.59 3.40
CA VAL B 252 -6.94 33.64 4.10
C VAL B 252 -7.02 33.45 5.61
N TYR B 253 -6.97 32.21 6.07
CA TYR B 253 -7.08 31.93 7.50
C TYR B 253 -6.01 32.66 8.30
N ARG B 254 -6.45 33.54 9.19
CA ARG B 254 -5.57 34.35 10.04
C ARG B 254 -4.57 35.18 9.24
N LYS B 255 -4.94 35.51 8.00
CA LYS B 255 -4.09 36.35 7.16
C LYS B 255 -4.76 37.72 7.08
N LYS B 256 -3.96 38.75 6.86
CA LYS B 256 -4.48 40.10 6.75
C LYS B 256 -4.84 40.38 5.29
N LYS B 257 -4.13 39.71 4.38
CA LYS B 257 -4.35 39.86 2.95
C LYS B 257 -4.23 38.50 2.28
N ASP B 258 -4.92 38.32 1.16
CA ASP B 258 -4.86 37.06 0.43
C ASP B 258 -3.62 37.08 -0.46
N PRO B 259 -3.36 36.01 -1.20
CA PRO B 259 -2.17 35.98 -2.08
C PRO B 259 -2.01 37.18 -3.02
N ASN B 260 -3.12 37.73 -3.50
CA ASN B 260 -3.06 38.87 -4.42
C ASN B 260 -3.08 40.24 -3.75
N GLY B 261 -3.13 40.27 -2.42
CA GLY B 261 -3.14 41.55 -1.73
C GLY B 261 -4.53 42.06 -1.38
N ASN B 262 -5.56 41.25 -1.60
CA ASN B 262 -6.92 41.64 -1.27
C ASN B 262 -7.08 41.53 0.24
N LYS B 263 -7.72 42.54 0.83
CA LYS B 263 -7.92 42.52 2.26
C LYS B 263 -8.79 41.35 2.71
N VAL B 264 -8.41 40.77 3.84
CA VAL B 264 -9.14 39.67 4.42
C VAL B 264 -9.87 40.22 5.64
N ILE B 265 -11.14 39.88 5.77
CA ILE B 265 -11.95 40.33 6.90
C ILE B 265 -12.02 39.20 7.92
N ALA B 266 -11.87 39.54 9.19
CA ALA B 266 -11.95 38.55 10.27
C ALA B 266 -13.38 38.73 10.78
N ASP B 267 -14.29 38.01 10.16
CA ASP B 267 -15.71 38.08 10.48
C ASP B 267 -16.24 37.09 11.50
N LYS B 268 -17.15 37.56 12.35
CA LYS B 268 -17.79 36.69 13.35
C LYS B 268 -19.21 36.44 12.86
N ILE B 269 -19.38 35.35 12.10
CA ILE B 269 -20.68 35.02 11.53
C ILE B 269 -21.47 33.96 12.30
N ILE B 270 -20.80 32.91 12.74
CA ILE B 270 -21.47 31.86 13.45
C ILE B 270 -21.21 31.85 14.96
N GLY B 271 -22.15 31.27 15.70
CA GLY B 271 -22.01 31.20 17.14
C GLY B 271 -22.66 32.38 17.84
N SER B 272 -22.70 32.28 19.16
CA SER B 272 -23.29 33.31 20.00
C SER B 272 -22.64 33.16 21.38
N GLY B 273 -23.00 34.02 22.32
CA GLY B 273 -22.44 33.92 23.65
C GLY B 273 -20.95 33.67 23.65
N LYS B 274 -20.52 32.58 24.27
CA LYS B 274 -19.10 32.26 24.34
C LYS B 274 -18.63 31.21 23.32
N ASN B 275 -19.38 31.03 22.23
CA ASN B 275 -18.99 30.03 21.23
C ASN B 275 -18.79 30.58 19.82
N LYS B 276 -18.75 31.91 19.69
CA LYS B 276 -18.56 32.55 18.39
C LYS B 276 -17.22 32.16 17.78
N ARG B 277 -17.20 32.03 16.45
CA ARG B 277 -15.98 31.66 15.73
C ARG B 277 -15.65 32.77 14.74
N THR B 278 -14.38 32.86 14.35
CA THR B 278 -13.96 33.87 13.40
C THR B 278 -13.85 33.27 12.00
N THR B 279 -14.56 33.86 11.03
CA THR B 279 -14.50 33.38 9.66
C THR B 279 -13.69 34.39 8.86
N TYR B 280 -12.55 33.95 8.33
CA TYR B 280 -11.71 34.81 7.52
C TYR B 280 -12.10 34.65 6.06
N TRP B 281 -12.33 35.78 5.39
CA TRP B 281 -12.70 35.73 3.97
C TRP B 281 -12.27 37.01 3.28
N ALA B 282 -12.17 36.96 1.96
CA ALA B 282 -11.77 38.12 1.18
C ALA B 282 -12.94 38.57 0.29
N PRO B 283 -13.61 39.66 0.69
CA PRO B 283 -14.75 40.18 -0.08
C PRO B 283 -14.50 40.50 -1.55
N ALA B 284 -13.28 40.91 -1.89
CA ALA B 284 -12.98 41.23 -3.28
C ALA B 284 -13.09 39.98 -4.16
N ILE B 285 -12.85 38.82 -3.56
CA ILE B 285 -12.89 37.56 -4.30
C ILE B 285 -14.18 36.77 -4.11
N GLN B 286 -14.65 36.70 -2.88
CA GLN B 286 -15.86 35.95 -2.58
C GLN B 286 -17.07 36.86 -2.68
N LYS B 287 -17.80 36.70 -3.76
CA LYS B 287 -19.00 37.51 -4.02
C LYS B 287 -20.27 36.78 -3.64
N LEU B 288 -21.28 37.55 -3.26
CA LEU B 288 -22.55 36.98 -2.87
C LEU B 288 -23.29 36.52 -4.12
N GLU B 289 -22.76 36.91 -5.28
CA GLU B 289 -23.33 36.55 -6.57
C GLU B 289 -22.40 36.95 -7.72
#